data_7NHG
#
_entry.id   7NHG
#
_cell.length_a   64.100
_cell.length_b   64.100
_cell.length_c   225.520
_cell.angle_alpha   90.000
_cell.angle_beta   90.000
_cell.angle_gamma   120.000
#
_symmetry.space_group_name_H-M   'P 32 2 1'
#
loop_
_entity.id
_entity.type
_entity.pdbx_description
1 polymer 'N6-adenosine-methyltransferase catalytic subunit'
2 polymer 'N6-adenosine-methyltransferase non-catalytic subunit'
3 non-polymer N-[[(3R)-3-Hydroxy-1-[6-(methylamino)pyrimidin-4-yl]piperidin-3-yl]methyl]-4-(piperidin-1-ylmethyl)benzamide
4 non-polymer 'ACETATE ION'
5 water water
#
loop_
_entity_poly.entity_id
_entity_poly.type
_entity_poly.pdbx_seq_one_letter_code
_entity_poly.pdbx_strand_id
1 'polypeptide(L)'
;MGHHHHHHSSGRENLYFQGALTQSVGGDSSADRLFPPQWICCDIRYLDVSILGKFAVVMADPPWDIHMELPYGTLTDDEM
RRLNIPVLQDDGFLFLWVTGRAMELGRECLNLWGYERVDEIIWVKTNQLQRIIRTGRTGHWLNHGKEHCLVGVKGNPQGF
NQGLDCDVIVAEVRSTSHKPDEIYGMIERLSPGTRKIELFGRPHNVQPNWITLGNQLDGIHLLDPDVVARFKQRYPDGII
SKPKNL
;
A
2 'polypeptide(L)'
;MLKGTQSLNPHNDYCQHFVDTGHRPQNFIRDVGLADRFEEYPKLRELIRLKDELIAKSNTPPMYLQADIEAFDIRELTPK
FDVILLEPPLEEYYRETGITANEKCWTWDDIMKLEIDEIAAPRSFIFLWCGSGEGLDLGRVCLRKWGYRRCEDICWIKTN
KNNPGKTKTLDPKAVFQRTKEHCLMGIKGTVKRSTDGDFIHANVDIDLIITEEPEIGNIEKPVEIFHIIEHFCLGRRRLH
LFGRDSTIRPGWLTVGPTLTNSNYNAETYASYFSAPNSYLTGCTEEIERL
;
B
#
# COMPACT_ATOMS: atom_id res chain seq x y z
N LEU A 34 -17.20 15.77 28.09
CA LEU A 34 -16.81 15.43 26.73
C LEU A 34 -15.32 15.12 26.61
N PHE A 35 -14.49 16.15 26.71
CA PHE A 35 -13.06 16.03 26.41
C PHE A 35 -12.34 14.79 26.98
N PRO A 36 -12.58 14.32 28.21
CA PRO A 36 -11.80 13.14 28.74
C PRO A 36 -12.15 11.85 28.02
N PRO A 37 -11.41 10.76 28.25
CA PRO A 37 -11.70 9.50 27.54
C PRO A 37 -13.08 8.97 27.90
N GLN A 38 -13.79 8.49 26.88
CA GLN A 38 -15.05 7.80 27.09
C GLN A 38 -14.96 6.46 26.39
N TRP A 39 -15.76 5.50 26.82
CA TRP A 39 -15.74 4.23 26.13
C TRP A 39 -17.02 3.45 26.44
N ILE A 40 -17.18 2.35 25.71
CA ILE A 40 -18.37 1.50 25.76
C ILE A 40 -17.92 0.07 25.49
N CYS A 41 -18.03 -0.82 26.49
CA CYS A 41 -17.97 -2.24 26.18
C CYS A 41 -19.22 -2.60 25.39
N CYS A 42 -19.04 -3.29 24.27
CA CYS A 42 -20.19 -3.62 23.45
C CYS A 42 -19.72 -4.55 22.35
N ASP A 43 -20.66 -4.99 21.53
CA ASP A 43 -20.42 -5.66 20.27
C ASP A 43 -20.79 -4.67 19.20
N ILE A 44 -19.83 -4.24 18.40
CA ILE A 44 -20.13 -3.17 17.46
C ILE A 44 -21.17 -3.60 16.43
N ARG A 45 -21.39 -4.91 16.28
CA ARG A 45 -22.42 -5.37 15.37
C ARG A 45 -23.81 -4.98 15.84
N TYR A 46 -24.03 -5.00 17.16
CA TYR A 46 -25.36 -4.87 17.73
C TYR A 46 -25.61 -3.52 18.38
N LEU A 47 -24.60 -2.66 18.45
CA LEU A 47 -24.77 -1.37 19.08
C LEU A 47 -25.45 -0.42 18.11
N ASP A 48 -26.46 0.29 18.61
CA ASP A 48 -27.13 1.36 17.89
C ASP A 48 -26.24 2.60 17.97
N VAL A 49 -25.35 2.73 17.00
CA VAL A 49 -24.38 3.82 17.01
C VAL A 49 -25.04 5.14 16.63
N SER A 50 -26.33 5.10 16.29
CA SER A 50 -27.04 6.34 16.00
C SER A 50 -27.07 7.26 17.21
N ILE A 51 -26.97 6.69 18.41
CA ILE A 51 -27.02 7.47 19.64
C ILE A 51 -25.75 8.27 19.93
N LEU A 52 -24.67 8.05 19.20
CA LEU A 52 -23.39 8.68 19.54
C LEU A 52 -23.15 10.02 18.85
N GLY A 53 -23.94 10.38 17.86
CA GLY A 53 -23.68 11.63 17.16
C GLY A 53 -22.61 11.52 16.09
N LYS A 54 -22.12 12.69 15.68
CA LYS A 54 -21.27 12.82 14.51
C LYS A 54 -19.83 13.13 14.93
N PHE A 55 -18.88 12.64 14.16
CA PHE A 55 -17.47 12.76 14.51
C PHE A 55 -16.66 13.30 13.35
N ALA A 56 -15.57 13.99 13.68
CA ALA A 56 -14.68 14.52 12.67
C ALA A 56 -13.74 13.45 12.12
N VAL A 57 -13.49 12.41 12.89
CA VAL A 57 -12.57 11.34 12.53
C VAL A 57 -13.15 10.04 13.04
N VAL A 58 -13.10 9.02 12.19
CA VAL A 58 -13.35 7.65 12.58
C VAL A 58 -12.09 6.86 12.33
N MET A 59 -11.70 6.03 13.31
CA MET A 59 -10.70 5.01 13.15
C MET A 59 -11.23 3.63 13.48
N ALA A 60 -10.80 2.63 12.70
CA ALA A 60 -11.23 1.25 12.88
C ALA A 60 -10.07 0.30 12.66
N ASP A 61 -9.99 -0.71 13.50
CA ASP A 61 -8.96 -1.75 13.40
C ASP A 61 -9.66 -3.10 13.38
N PRO A 62 -10.39 -3.39 12.31
CA PRO A 62 -11.39 -4.45 12.36
C PRO A 62 -10.73 -5.81 12.45
N PRO A 63 -11.42 -6.79 13.02
CA PRO A 63 -11.00 -8.19 12.95
C PRO A 63 -11.39 -8.79 11.59
N TRP A 64 -10.58 -8.51 10.58
CA TRP A 64 -10.85 -9.05 9.26
C TRP A 64 -10.73 -10.57 9.28
N ASP A 65 -11.54 -11.23 8.44
CA ASP A 65 -11.39 -12.67 8.24
C ASP A 65 -10.31 -12.88 7.19
N ILE A 66 -9.08 -13.05 7.66
CA ILE A 66 -7.97 -13.18 6.73
C ILE A 66 -7.31 -14.53 6.87
N THR A 74 -13.45 -12.35 14.95
CA THR A 74 -13.60 -12.19 13.50
C THR A 74 -15.04 -11.82 13.09
N LEU A 75 -15.14 -10.90 12.12
CA LEU A 75 -16.40 -10.59 11.46
C LEU A 75 -16.32 -11.08 10.02
N THR A 76 -17.36 -11.76 9.56
CA THR A 76 -17.41 -12.10 8.16
C THR A 76 -17.42 -10.83 7.33
N ASP A 77 -17.16 -11.00 6.04
CA ASP A 77 -17.15 -9.86 5.14
C ASP A 77 -18.51 -9.16 5.06
N ASP A 78 -19.60 -9.91 5.19
CA ASP A 78 -20.91 -9.25 5.13
C ASP A 78 -21.14 -8.39 6.37
N GLU A 79 -20.78 -8.92 7.54
CA GLU A 79 -20.90 -8.14 8.77
C GLU A 79 -20.07 -6.86 8.71
N MET A 80 -18.82 -6.97 8.27
CA MET A 80 -17.99 -5.80 8.00
C MET A 80 -18.71 -4.82 7.10
N ARG A 81 -19.32 -5.31 6.01
CA ARG A 81 -20.01 -4.43 5.08
C ARG A 81 -21.24 -3.79 5.70
N ARG A 82 -21.94 -4.50 6.57
CA ARG A 82 -23.19 -3.96 7.06
C ARG A 82 -23.03 -3.11 8.32
N LEU A 83 -21.82 -2.95 8.85
CA LEU A 83 -21.59 -1.99 9.93
C LEU A 83 -22.13 -0.62 9.54
N ASN A 84 -22.82 0.03 10.48
CA ASN A 84 -23.49 1.29 10.20
C ASN A 84 -22.50 2.44 10.31
N ILE A 85 -21.36 2.31 9.63
CA ILE A 85 -20.37 3.38 9.51
C ILE A 85 -21.01 4.67 8.97
N PRO A 86 -21.92 4.64 8.00
CA PRO A 86 -22.34 5.92 7.38
C PRO A 86 -23.00 6.91 8.31
N VAL A 87 -23.64 6.46 9.39
CA VAL A 87 -24.34 7.39 10.28
C VAL A 87 -23.37 8.16 11.17
N LEU A 88 -22.15 7.64 11.36
CA LEU A 88 -21.18 8.24 12.26
C LEU A 88 -20.67 9.61 11.80
N GLN A 89 -20.62 9.86 10.48
CA GLN A 89 -20.00 11.09 9.99
C GLN A 89 -20.82 11.68 8.86
N ASP A 90 -20.71 13.01 8.74
CA ASP A 90 -21.17 13.78 7.60
C ASP A 90 -20.03 14.36 6.78
N ASP A 91 -19.01 14.89 7.45
CA ASP A 91 -17.82 15.41 6.81
C ASP A 91 -16.62 15.07 7.67
N GLY A 92 -15.61 14.48 7.07
CA GLY A 92 -14.44 14.13 7.83
C GLY A 92 -13.78 12.88 7.28
N PHE A 93 -12.99 12.29 8.15
CA PHE A 93 -11.98 11.33 7.76
C PHE A 93 -12.20 9.99 8.43
N LEU A 94 -11.78 8.93 7.74
CA LEU A 94 -11.84 7.58 8.25
C LEU A 94 -10.47 6.97 8.10
N PHE A 95 -9.96 6.40 9.19
CA PHE A 95 -8.71 5.66 9.21
C PHE A 95 -9.04 4.20 9.47
N LEU A 96 -8.56 3.31 8.58
CA LEU A 96 -9.03 1.92 8.50
C LEU A 96 -7.87 0.97 8.24
N TRP A 97 -7.52 0.16 9.24
CA TRP A 97 -6.34 -0.69 9.18
C TRP A 97 -6.60 -1.95 8.38
N VAL A 98 -5.72 -2.24 7.43
CA VAL A 98 -5.92 -3.32 6.47
C VAL A 98 -4.66 -4.19 6.41
N THR A 99 -4.88 -5.46 6.09
CA THR A 99 -3.80 -6.43 5.95
C THR A 99 -4.30 -7.59 5.11
N GLY A 100 -3.40 -8.17 4.31
CA GLY A 100 -3.77 -9.32 3.50
C GLY A 100 -4.82 -8.93 2.49
N ARG A 101 -5.87 -9.75 2.40
CA ARG A 101 -6.97 -9.50 1.47
C ARG A 101 -7.87 -8.36 1.93
N ALA A 102 -7.82 -8.00 3.21
CA ALA A 102 -8.53 -6.81 3.64
C ALA A 102 -8.00 -5.56 2.97
N MET A 103 -6.77 -5.56 2.43
CA MET A 103 -6.32 -4.45 1.60
C MET A 103 -7.30 -4.15 0.46
N GLU A 104 -7.93 -5.18 -0.08
CA GLU A 104 -8.93 -5.00 -1.12
C GLU A 104 -10.34 -4.93 -0.55
N LEU A 105 -10.64 -5.77 0.43
CA LEU A 105 -11.96 -5.74 1.02
C LEU A 105 -12.20 -4.42 1.73
N GLY A 106 -11.17 -3.91 2.43
CA GLY A 106 -11.34 -2.67 3.17
C GLY A 106 -11.62 -1.50 2.24
N ARG A 107 -10.97 -1.49 1.07
CA ARG A 107 -11.28 -0.50 0.04
C ARG A 107 -12.74 -0.60 -0.37
N GLU A 108 -13.25 -1.83 -0.49
CA GLU A 108 -14.67 -2.03 -0.81
C GLU A 108 -15.56 -1.41 0.25
N CYS A 109 -15.36 -1.78 1.53
CA CYS A 109 -16.16 -1.19 2.59
C CYS A 109 -16.02 0.32 2.57
N LEU A 110 -14.80 0.80 2.40
CA LEU A 110 -14.55 2.23 2.38
C LEU A 110 -15.42 2.93 1.34
N ASN A 111 -15.39 2.46 0.10
CA ASN A 111 -16.27 3.04 -0.91
C ASN A 111 -17.74 2.75 -0.58
N LEU A 112 -18.03 1.54 -0.12
CA LEU A 112 -19.41 1.21 0.25
C LEU A 112 -19.93 2.20 1.29
N TRP A 113 -19.16 2.40 2.36
CA TRP A 113 -19.61 3.29 3.42
C TRP A 113 -19.79 4.73 2.95
N GLY A 114 -19.32 5.07 1.75
CA GLY A 114 -19.48 6.41 1.21
C GLY A 114 -18.23 7.26 1.23
N TYR A 115 -17.05 6.66 1.33
CA TYR A 115 -15.79 7.39 1.39
C TYR A 115 -15.02 7.24 0.10
N GLU A 116 -14.09 8.17 -0.10
CA GLU A 116 -13.08 8.10 -1.15
C GLU A 116 -11.72 7.98 -0.48
N ARG A 117 -11.02 6.88 -0.74
CA ARG A 117 -9.65 6.73 -0.29
C ARG A 117 -8.78 7.84 -0.89
N VAL A 118 -8.26 8.74 -0.05
CA VAL A 118 -7.37 9.80 -0.49
C VAL A 118 -5.92 9.64 -0.01
N ASP A 119 -5.63 8.72 0.89
CA ASP A 119 -4.25 8.51 1.32
C ASP A 119 -4.12 7.09 1.84
N GLU A 120 -2.89 6.71 2.13
CA GLU A 120 -2.63 5.42 2.73
C GLU A 120 -1.36 5.55 3.55
N ILE A 121 -1.49 5.37 4.86
CA ILE A 121 -0.41 5.44 5.82
C ILE A 121 0.19 4.05 5.97
N ILE A 122 1.51 3.95 6.06
CA ILE A 122 2.17 2.71 6.45
C ILE A 122 2.95 2.93 7.73
N TRP A 123 2.85 1.95 8.63
CA TRP A 123 3.60 1.95 9.89
C TRP A 123 4.76 0.97 9.72
N VAL A 124 5.98 1.51 9.63
CA VAL A 124 7.16 0.65 9.58
C VAL A 124 7.53 0.24 10.99
N LYS A 125 7.63 -1.07 11.21
CA LYS A 125 7.81 -1.64 12.53
C LYS A 125 9.31 -1.81 12.81
N THR A 126 9.77 -1.23 13.91
CA THR A 126 11.18 -1.32 14.32
C THR A 126 11.28 -2.01 15.67
N ASN A 127 12.50 -2.03 16.22
CA ASN A 127 12.79 -2.41 17.59
C ASN A 127 13.32 -1.20 18.34
N GLN A 128 14.07 -1.44 19.44
CA GLN A 128 14.63 -0.35 20.20
C GLN A 128 15.88 0.26 19.55
N LEU A 129 16.51 -0.45 18.60
CA LEU A 129 17.65 0.06 17.86
C LEU A 129 17.27 0.66 16.51
N GLN A 130 15.96 0.80 16.24
CA GLN A 130 15.45 1.34 14.97
C GLN A 130 15.91 0.50 13.78
N ARG A 131 15.97 -0.82 13.96
CA ARG A 131 16.13 -1.77 12.88
C ARG A 131 14.78 -2.44 12.61
N ILE A 132 14.56 -2.85 11.37
CA ILE A 132 13.23 -3.28 10.96
C ILE A 132 12.94 -4.68 11.49
N ILE A 133 11.90 -4.80 12.30
CA ILE A 133 11.37 -6.06 12.77
C ILE A 133 10.37 -6.59 11.73
N GLY A 139 1.09 -13.61 3.30
CA GLY A 139 2.28 -13.03 2.70
C GLY A 139 3.43 -14.01 2.56
N HIS A 140 3.20 -15.07 1.79
CA HIS A 140 4.14 -16.17 1.62
C HIS A 140 5.31 -15.83 0.69
N TRP A 141 5.48 -14.56 0.31
CA TRP A 141 6.47 -14.16 -0.67
C TRP A 141 7.54 -13.23 -0.12
N LEU A 142 7.20 -12.39 0.86
CA LEU A 142 8.10 -11.42 1.44
C LEU A 142 7.79 -11.31 2.91
N ASN A 143 8.82 -11.12 3.73
CA ASN A 143 8.56 -10.81 5.14
C ASN A 143 7.89 -9.44 5.22
N HIS A 144 7.11 -9.23 6.28
CA HIS A 144 6.23 -8.07 6.38
C HIS A 144 6.82 -7.06 7.35
N GLY A 145 7.25 -5.93 6.81
CA GLY A 145 7.83 -4.86 7.62
C GLY A 145 6.88 -3.79 8.08
N LYS A 146 5.57 -3.94 7.87
CA LYS A 146 4.69 -2.78 7.97
C LYS A 146 3.23 -3.19 8.14
N GLU A 147 2.42 -2.19 8.49
CA GLU A 147 0.96 -2.26 8.55
C GLU A 147 0.42 -1.10 7.73
N HIS A 148 -0.69 -1.32 7.04
CA HIS A 148 -1.30 -0.28 6.21
C HIS A 148 -2.57 0.24 6.87
N CYS A 149 -2.85 1.52 6.65
CA CYS A 149 -4.04 2.15 7.20
C CYS A 149 -4.57 3.09 6.12
N LEU A 150 -5.76 2.79 5.61
CA LEU A 150 -6.32 3.59 4.55
C LEU A 150 -6.95 4.84 5.15
N VAL A 151 -6.78 5.96 4.45
CA VAL A 151 -7.41 7.23 4.82
C VAL A 151 -8.55 7.48 3.86
N GLY A 152 -9.76 7.64 4.40
CA GLY A 152 -10.92 7.98 3.61
C GLY A 152 -11.43 9.37 3.94
N VAL A 153 -11.91 10.08 2.92
CA VAL A 153 -12.56 11.36 3.10
C VAL A 153 -14.03 11.17 2.76
N LYS A 154 -14.90 11.97 3.39
CA LYS A 154 -16.32 11.93 3.09
C LYS A 154 -16.91 13.31 3.24
N GLY A 155 -17.73 13.72 2.26
CA GLY A 155 -18.21 15.07 2.25
C GLY A 155 -17.10 16.01 1.82
N ASN A 156 -17.11 17.21 2.40
CA ASN A 156 -16.06 18.18 2.18
C ASN A 156 -15.70 18.78 3.54
N PRO A 157 -14.72 18.19 4.23
CA PRO A 157 -14.33 18.73 5.54
C PRO A 157 -13.52 20.02 5.38
N GLN A 158 -13.81 20.99 6.25
CA GLN A 158 -13.17 22.30 6.24
C GLN A 158 -12.50 22.58 7.58
N GLY A 159 -11.35 23.25 7.52
CA GLY A 159 -10.63 23.61 8.72
C GLY A 159 -9.68 22.55 9.26
N PHE A 160 -9.29 21.61 8.42
CA PHE A 160 -8.36 20.56 8.83
C PHE A 160 -6.95 20.93 8.37
N ASN A 161 -5.97 20.36 9.04
CA ASN A 161 -4.57 20.73 8.82
C ASN A 161 -3.90 19.71 7.89
N GLN A 162 -4.35 19.72 6.64
CA GLN A 162 -3.80 18.85 5.62
C GLN A 162 -2.31 19.16 5.42
N GLY A 163 -1.50 18.11 5.29
CA GLY A 163 -0.07 18.24 5.01
C GLY A 163 0.84 18.39 6.22
N LEU A 164 0.33 18.28 7.45
CA LEU A 164 1.18 18.46 8.61
C LEU A 164 2.11 17.27 8.84
N ASP A 165 1.63 16.04 8.66
CA ASP A 165 2.51 14.90 8.75
C ASP A 165 2.72 14.26 7.38
N CYS A 166 3.56 13.23 7.36
CA CYS A 166 3.79 12.51 6.13
C CYS A 166 3.24 11.10 6.29
N ASP A 167 2.89 10.47 5.14
CA ASP A 167 2.20 9.21 5.18
C ASP A 167 3.07 8.01 5.78
N VAL A 168 4.22 8.17 6.44
CA VAL A 168 4.98 7.04 6.99
C VAL A 168 5.18 7.22 8.49
N ILE A 169 4.89 6.18 9.26
CA ILE A 169 5.12 6.13 10.70
C ILE A 169 6.25 5.16 11.01
N VAL A 170 7.26 5.63 11.76
CA VAL A 170 8.34 4.76 12.24
C VAL A 170 8.27 4.75 13.76
N ALA A 171 8.02 3.56 14.33
CA ALA A 171 7.70 3.44 15.75
C ALA A 171 7.91 2.00 16.19
N GLU A 172 8.22 1.84 17.47
CA GLU A 172 8.53 0.54 18.04
C GLU A 172 7.27 -0.26 18.29
N VAL A 173 7.35 -1.57 18.07
CA VAL A 173 6.24 -2.48 18.32
C VAL A 173 6.14 -2.71 19.83
N ARG A 174 5.08 -2.18 20.45
CA ARG A 174 4.80 -2.48 21.84
C ARG A 174 4.23 -3.91 21.93
N SER A 175 3.14 -4.10 22.65
CA SER A 175 2.53 -5.41 22.68
C SER A 175 2.01 -5.78 21.30
N THR A 176 1.99 -7.09 21.02
CA THR A 176 1.44 -7.58 19.77
C THR A 176 -0.01 -7.10 19.63
N SER A 177 -0.38 -6.80 18.38
CA SER A 177 -1.68 -6.27 17.98
C SER A 177 -1.94 -4.85 18.51
N HIS A 178 -1.04 -4.27 19.30
CA HIS A 178 -1.19 -2.86 19.62
C HIS A 178 -0.81 -2.02 18.41
N LYS A 179 -1.48 -0.90 18.23
CA LYS A 179 -1.08 0.02 17.17
C LYS A 179 -0.32 1.20 17.76
N PRO A 180 0.53 1.87 16.98
CA PRO A 180 1.41 2.90 17.56
C PRO A 180 0.62 4.11 17.94
N ASP A 181 0.96 4.69 19.10
CA ASP A 181 0.24 5.88 19.53
C ASP A 181 0.56 7.10 18.69
N GLU A 182 1.57 7.04 17.82
CA GLU A 182 1.84 8.14 16.90
C GLU A 182 0.61 8.51 16.06
N ILE A 183 -0.28 7.54 15.77
CA ILE A 183 -1.44 7.77 14.91
C ILE A 183 -2.42 8.74 15.57
N TYR A 184 -2.53 8.70 16.90
CA TYR A 184 -3.37 9.67 17.61
C TYR A 184 -2.78 11.07 17.53
N GLY A 185 -1.45 11.19 17.60
CA GLY A 185 -0.81 12.48 17.44
C GLY A 185 -1.07 13.06 16.07
N MET A 186 -0.88 12.24 15.03
CA MET A 186 -1.15 12.70 13.67
C MET A 186 -2.60 13.10 13.50
N ILE A 187 -3.51 12.31 14.05
CA ILE A 187 -4.95 12.59 13.90
C ILE A 187 -5.33 13.88 14.62
N GLU A 188 -4.69 14.15 15.75
CA GLU A 188 -4.98 15.38 16.50
C GLU A 188 -4.47 16.62 15.76
N ARG A 189 -3.24 16.56 15.24
CA ARG A 189 -2.77 17.71 14.47
C ARG A 189 -3.64 17.96 13.24
N LEU A 190 -4.33 16.93 12.73
CA LEU A 190 -5.11 17.08 11.52
C LEU A 190 -6.49 17.68 11.79
N SER A 191 -7.09 17.32 12.92
CA SER A 191 -8.38 17.86 13.34
C SER A 191 -8.36 18.12 14.83
N PRO A 192 -7.68 19.18 15.26
CA PRO A 192 -7.57 19.46 16.71
C PRO A 192 -8.91 19.75 17.37
N GLY A 193 -9.08 19.15 18.54
CA GLY A 193 -10.19 19.40 19.44
C GLY A 193 -11.54 18.88 19.01
N THR A 194 -11.61 18.14 17.90
CA THR A 194 -12.88 17.65 17.38
C THR A 194 -13.21 16.29 17.98
N ARG A 195 -14.49 15.90 17.82
CA ARG A 195 -14.99 14.59 18.25
C ARG A 195 -14.42 13.44 17.40
N LYS A 196 -14.01 12.37 18.06
CA LYS A 196 -13.41 11.23 17.38
C LYS A 196 -13.93 9.91 17.95
N ILE A 197 -13.98 8.89 17.12
CA ILE A 197 -14.45 7.59 17.59
C ILE A 197 -13.60 6.49 16.97
N GLU A 198 -13.18 5.55 17.81
CA GLU A 198 -12.41 4.37 17.41
C GLU A 198 -13.29 3.14 17.55
N LEU A 199 -13.30 2.30 16.52
CA LEU A 199 -14.08 1.08 16.52
C LEU A 199 -13.14 -0.11 16.64
N PHE A 200 -13.49 -1.05 17.51
CA PHE A 200 -12.65 -2.21 17.82
C PHE A 200 -11.37 -1.80 18.55
N GLY A 201 -11.49 -0.80 19.43
CA GLY A 201 -10.36 -0.42 20.25
C GLY A 201 -10.22 -1.26 21.51
N ARG A 202 -9.01 -1.25 22.05
CA ARG A 202 -8.69 -1.97 23.27
C ARG A 202 -8.48 -0.97 24.41
N PRO A 203 -8.53 -1.44 25.68
CA PRO A 203 -8.51 -0.50 26.82
C PRO A 203 -7.42 0.56 26.76
N HIS A 204 -6.19 0.18 26.36
CA HIS A 204 -5.11 1.15 26.25
C HIS A 204 -5.36 2.21 25.18
N ASN A 205 -6.30 1.96 24.26
CA ASN A 205 -6.57 2.92 23.19
C ASN A 205 -7.36 4.12 23.67
N VAL A 206 -7.86 4.13 24.91
CA VAL A 206 -8.72 5.23 25.33
C VAL A 206 -7.88 6.50 25.39
N GLN A 207 -8.46 7.59 24.92
CA GLN A 207 -7.75 8.84 24.65
C GLN A 207 -8.74 9.99 24.84
N PRO A 208 -8.27 11.13 25.35
CA PRO A 208 -9.16 12.30 25.40
C PRO A 208 -9.58 12.68 23.98
N ASN A 209 -10.80 13.19 23.87
CA ASN A 209 -11.51 13.49 22.62
C ASN A 209 -12.00 12.23 21.88
N TRP A 210 -11.73 11.03 22.38
CA TRP A 210 -12.16 9.80 21.72
C TRP A 210 -13.20 9.05 22.55
N ILE A 211 -14.24 8.58 21.90
CA ILE A 211 -15.07 7.51 22.41
C ILE A 211 -14.55 6.22 21.79
N THR A 212 -14.36 5.18 22.61
CA THR A 212 -13.76 3.94 22.16
C THR A 212 -14.77 2.80 22.29
N LEU A 213 -15.09 2.14 21.18
CA LEU A 213 -15.99 1.01 21.18
C LEU A 213 -15.18 -0.26 20.94
N GLY A 214 -15.39 -1.25 21.80
CA GLY A 214 -14.71 -2.52 21.71
C GLY A 214 -15.28 -3.45 22.76
N ASN A 215 -15.19 -4.77 22.53
CA ASN A 215 -15.85 -5.73 23.39
C ASN A 215 -15.03 -6.14 24.61
N GLN A 216 -13.74 -5.82 24.64
CA GLN A 216 -12.89 -6.07 25.79
C GLN A 216 -12.57 -4.79 26.56
N LEU A 217 -13.52 -3.88 26.62
CA LEU A 217 -13.39 -2.70 27.46
C LEU A 217 -14.08 -2.93 28.80
N ASP A 218 -13.88 -1.99 29.71
CA ASP A 218 -14.48 -2.12 31.05
C ASP A 218 -15.80 -1.34 31.08
N GLY A 219 -16.88 -1.97 30.65
CA GLY A 219 -18.19 -1.39 30.81
C GLY A 219 -18.39 -0.11 30.01
N ILE A 220 -19.36 0.68 30.46
CA ILE A 220 -19.80 1.91 29.80
C ILE A 220 -19.31 3.08 30.63
N HIS A 221 -18.51 3.97 30.03
CA HIS A 221 -18.02 5.18 30.69
C HIS A 221 -18.22 6.37 29.77
N LEU A 222 -19.21 7.20 30.11
CA LEU A 222 -19.65 8.24 29.20
C LEU A 222 -19.84 9.54 29.96
N LEU A 223 -19.59 10.66 29.29
CA LEU A 223 -19.53 11.96 29.93
C LEU A 223 -20.15 13.08 29.11
N ASP A 224 -20.06 13.04 27.78
CA ASP A 224 -20.78 13.98 26.94
C ASP A 224 -22.26 13.89 27.28
N PRO A 225 -22.90 14.97 27.73
CA PRO A 225 -24.30 14.87 28.15
C PRO A 225 -25.24 14.39 27.04
N ASP A 226 -25.08 14.90 25.81
CA ASP A 226 -25.98 14.49 24.72
C ASP A 226 -25.93 12.98 24.50
N VAL A 227 -24.73 12.40 24.49
CA VAL A 227 -24.58 10.95 24.38
C VAL A 227 -25.23 10.27 25.58
N VAL A 228 -24.95 10.79 26.78
CA VAL A 228 -25.53 10.22 27.99
C VAL A 228 -27.04 10.11 27.84
N ALA A 229 -27.67 11.19 27.41
CA ALA A 229 -29.10 11.25 27.13
C ALA A 229 -29.58 10.11 26.25
N ARG A 230 -29.21 10.17 24.95
CA ARG A 230 -29.70 9.22 23.97
C ARG A 230 -29.40 7.78 24.37
N PHE A 231 -28.32 7.55 25.12
CA PHE A 231 -28.03 6.21 25.60
C PHE A 231 -29.06 5.77 26.64
N LYS A 232 -29.43 6.65 27.57
CA LYS A 232 -30.46 6.27 28.52
C LYS A 232 -31.82 6.14 27.84
N GLN A 233 -32.11 7.03 26.89
CA GLN A 233 -33.34 6.90 26.12
C GLN A 233 -33.37 5.59 25.32
N ARG A 234 -32.31 5.32 24.54
CA ARG A 234 -32.28 4.12 23.71
C ARG A 234 -32.05 2.87 24.53
N TYR A 235 -31.28 2.96 25.61
CA TYR A 235 -31.00 1.82 26.49
C TYR A 235 -31.39 2.21 27.90
N PRO A 236 -32.70 2.19 28.22
CA PRO A 236 -33.11 2.61 29.56
C PRO A 236 -32.69 1.65 30.65
N ASP A 237 -32.54 0.36 30.32
CA ASP A 237 -32.17 -0.63 31.31
C ASP A 237 -30.71 -1.05 31.23
N GLY A 238 -29.95 -0.55 30.27
CA GLY A 238 -28.51 -0.69 30.28
C GLY A 238 -27.93 -1.94 29.65
N ILE A 239 -28.77 -2.83 29.11
CA ILE A 239 -28.28 -3.95 28.33
C ILE A 239 -28.33 -3.57 26.85
N ILE A 240 -27.75 -4.42 26.00
CA ILE A 240 -27.66 -4.15 24.57
C ILE A 240 -27.94 -5.39 23.73
N ASP B 13 8.70 9.67 19.34
CA ASP B 13 7.71 10.17 18.40
C ASP B 13 8.39 10.79 17.18
N TYR B 14 8.56 9.98 16.14
CA TYR B 14 9.19 10.46 14.91
C TYR B 14 8.23 11.22 14.03
N CYS B 15 6.93 11.21 14.34
CA CYS B 15 6.01 12.07 13.61
C CYS B 15 6.00 13.48 14.18
N GLN B 16 6.05 13.59 15.51
CA GLN B 16 6.25 14.89 16.12
C GLN B 16 7.58 15.51 15.67
N HIS B 17 8.63 14.69 15.56
CA HIS B 17 9.92 15.22 15.13
C HIS B 17 9.84 15.79 13.72
N PHE B 18 9.23 15.05 12.78
CA PHE B 18 9.11 15.56 11.41
C PHE B 18 8.35 16.88 11.37
N VAL B 19 7.28 16.99 12.17
CA VAL B 19 6.57 18.26 12.30
C VAL B 19 7.52 19.34 12.77
N ASP B 20 8.39 18.99 13.74
CA ASP B 20 9.31 19.96 14.34
C ASP B 20 10.45 20.34 13.39
N THR B 21 11.06 19.33 12.73
CA THR B 21 12.35 19.50 12.08
C THR B 21 12.37 19.26 10.57
N GLY B 22 11.30 18.74 9.98
CA GLY B 22 11.29 18.43 8.55
C GLY B 22 11.95 17.13 8.15
N HIS B 23 12.54 16.40 9.10
CA HIS B 23 13.12 15.09 8.84
C HIS B 23 12.01 14.03 8.88
N ARG B 24 11.74 13.43 7.71
CA ARG B 24 10.74 12.38 7.62
C ARG B 24 11.11 11.25 8.59
N PRO B 25 10.13 10.62 9.24
CA PRO B 25 10.45 9.56 10.22
C PRO B 25 11.40 8.49 9.70
N GLN B 26 11.35 8.19 8.39
CA GLN B 26 12.16 7.12 7.83
C GLN B 26 13.67 7.39 7.92
N ASN B 27 14.08 8.66 8.02
CA ASN B 27 15.49 8.99 8.07
C ASN B 27 16.22 8.22 9.16
N PHE B 28 15.51 7.85 10.23
CA PHE B 28 16.14 7.30 11.43
C PHE B 28 16.06 5.79 11.51
N ILE B 29 15.65 5.12 10.43
CA ILE B 29 15.79 3.67 10.39
C ILE B 29 17.27 3.31 10.25
N ARG B 30 17.72 2.41 11.11
CA ARG B 30 19.09 1.92 11.03
C ARG B 30 19.19 0.76 10.03
N ASP B 31 20.41 0.53 9.56
CA ASP B 31 20.69 -0.55 8.62
C ASP B 31 19.90 -0.39 7.32
N GLU B 46 24.82 -15.22 7.81
CA GLU B 46 24.47 -15.97 6.59
C GLU B 46 25.53 -15.81 5.49
N LEU B 47 25.06 -15.67 4.25
CA LEU B 47 25.92 -15.39 3.10
C LEU B 47 25.09 -15.12 1.86
N ILE B 48 24.15 -16.03 1.56
CA ILE B 48 23.48 -16.11 0.26
C ILE B 48 24.54 -15.92 -0.82
N ARG B 49 24.44 -14.80 -1.55
CA ARG B 49 25.42 -14.42 -2.56
C ARG B 49 25.56 -15.48 -3.65
N LEU B 50 25.53 -16.75 -3.27
CA LEU B 50 25.53 -17.84 -4.27
C LEU B 50 24.33 -17.70 -5.21
N LYS B 51 23.14 -17.46 -4.64
CA LYS B 51 21.95 -17.24 -5.45
C LYS B 51 22.16 -16.17 -6.50
N ASP B 52 22.86 -15.09 -6.13
CA ASP B 52 23.05 -13.96 -7.04
C ASP B 52 23.93 -14.32 -8.25
N GLU B 53 24.85 -15.26 -8.06
CA GLU B 53 25.70 -15.70 -9.17
C GLU B 53 25.03 -16.79 -9.97
N LEU B 54 24.13 -17.56 -9.34
CA LEU B 54 23.27 -18.48 -10.08
C LEU B 54 22.33 -17.69 -10.99
N ILE B 55 21.68 -16.66 -10.45
CA ILE B 55 20.87 -15.77 -11.28
C ILE B 55 21.70 -15.21 -12.43
N ALA B 56 22.83 -14.59 -12.10
CA ALA B 56 23.63 -13.89 -13.10
C ALA B 56 24.17 -14.83 -14.18
N LYS B 57 24.41 -16.11 -13.84
CA LYS B 57 24.88 -17.05 -14.85
C LYS B 57 23.75 -17.57 -15.72
N SER B 58 22.56 -17.72 -15.14
CA SER B 58 21.37 -18.15 -15.86
C SER B 58 20.81 -17.07 -16.79
N ASN B 59 21.09 -15.80 -16.48
CA ASN B 59 20.47 -14.69 -17.17
C ASN B 59 20.76 -14.72 -18.66
N THR B 60 19.68 -14.64 -19.46
CA THR B 60 19.80 -14.46 -20.89
C THR B 60 20.49 -13.13 -21.19
N PRO B 61 21.11 -12.99 -22.37
CA PRO B 61 21.65 -11.69 -22.74
C PRO B 61 20.57 -10.64 -22.66
N PRO B 62 20.92 -9.40 -22.34
CA PRO B 62 19.90 -8.35 -22.31
C PRO B 62 19.33 -8.13 -23.70
N MET B 63 18.01 -7.95 -23.76
CA MET B 63 17.32 -7.65 -25.00
C MET B 63 16.42 -6.44 -24.78
N TYR B 64 16.24 -5.66 -25.83
CA TYR B 64 15.59 -4.38 -25.68
C TYR B 64 14.99 -4.03 -27.03
N LEU B 65 13.85 -3.36 -27.00
CA LEU B 65 13.09 -3.04 -28.19
C LEU B 65 12.41 -1.69 -27.98
N GLN B 66 12.70 -0.73 -28.83
CA GLN B 66 11.97 0.52 -28.77
C GLN B 66 10.64 0.37 -29.52
N ALA B 67 9.59 0.91 -28.91
CA ALA B 67 8.23 0.63 -29.35
C ALA B 67 7.28 1.58 -28.65
N ASP B 68 6.39 2.19 -29.42
CA ASP B 68 5.36 3.06 -28.83
C ASP B 68 4.22 2.16 -28.41
N ILE B 69 4.16 1.88 -27.10
CA ILE B 69 3.32 0.82 -26.56
C ILE B 69 1.86 1.10 -26.82
N GLU B 70 1.48 2.39 -26.89
CA GLU B 70 0.10 2.74 -27.20
C GLU B 70 -0.29 2.23 -28.59
N ALA B 71 0.56 2.49 -29.60
CA ALA B 71 0.35 2.08 -30.99
C ALA B 71 1.03 0.76 -31.32
N PHE B 72 1.14 -0.15 -30.38
CA PHE B 72 1.95 -1.35 -30.54
C PHE B 72 1.08 -2.55 -30.19
N ASP B 73 0.94 -3.48 -31.13
CA ASP B 73 0.25 -4.72 -30.79
C ASP B 73 1.15 -5.49 -29.85
N ILE B 74 0.82 -5.47 -28.56
CA ILE B 74 1.64 -6.11 -27.54
C ILE B 74 1.81 -7.61 -27.84
N ARG B 75 0.99 -8.18 -28.71
CA ARG B 75 1.09 -9.60 -29.05
C ARG B 75 2.35 -9.95 -29.85
N GLU B 76 3.05 -8.96 -30.43
CA GLU B 76 4.30 -9.23 -31.12
C GLU B 76 5.41 -9.65 -30.17
N LEU B 77 5.19 -9.51 -28.86
CA LEU B 77 6.18 -9.88 -27.85
C LEU B 77 5.85 -11.30 -27.42
N THR B 78 6.56 -12.25 -28.00
CA THR B 78 6.45 -13.64 -27.58
C THR B 78 7.81 -14.14 -27.13
N PRO B 79 7.87 -15.19 -26.29
CA PRO B 79 6.76 -16.00 -25.76
C PRO B 79 6.05 -15.33 -24.60
N LYS B 80 5.01 -15.97 -24.08
CA LYS B 80 4.39 -15.55 -22.83
C LYS B 80 5.47 -15.43 -21.76
N PHE B 81 5.30 -14.46 -20.86
CA PHE B 81 6.32 -14.10 -19.88
C PHE B 81 6.05 -14.71 -18.52
N ASP B 82 7.11 -15.16 -17.85
CA ASP B 82 6.98 -15.54 -16.46
C ASP B 82 6.83 -14.33 -15.53
N VAL B 83 7.45 -13.20 -15.86
CA VAL B 83 7.37 -12.01 -15.03
C VAL B 83 7.16 -10.81 -15.95
N ILE B 84 6.36 -9.84 -15.50
CA ILE B 84 6.20 -8.56 -16.16
C ILE B 84 6.37 -7.47 -15.11
N LEU B 85 7.24 -6.51 -15.43
CA LEU B 85 7.54 -5.35 -14.59
C LEU B 85 7.01 -4.16 -15.35
N LEU B 86 6.06 -3.45 -14.77
CA LEU B 86 5.28 -2.47 -15.51
C LEU B 86 5.41 -1.14 -14.80
N GLU B 87 5.92 -0.15 -15.52
CA GLU B 87 6.37 1.11 -14.93
C GLU B 87 5.91 2.27 -15.81
N PRO B 88 4.60 2.43 -15.94
CA PRO B 88 4.10 3.45 -16.86
C PRO B 88 4.42 4.83 -16.33
N PRO B 89 4.60 5.81 -17.21
CA PRO B 89 4.97 7.15 -16.76
C PRO B 89 3.78 8.00 -16.34
N LEU B 90 3.37 7.85 -15.08
CA LEU B 90 2.25 8.62 -14.57
C LEU B 90 2.58 10.10 -14.51
N GLU B 91 1.58 10.93 -14.86
CA GLU B 91 1.68 12.38 -14.75
C GLU B 91 2.12 12.85 -13.36
N GLU B 92 1.82 12.07 -12.31
CA GLU B 92 2.26 12.48 -10.98
C GLU B 92 3.79 12.44 -10.85
N TYR B 93 4.48 11.57 -11.60
CA TYR B 93 5.95 11.52 -11.52
C TYR B 93 6.58 12.82 -12.01
N TYR B 94 5.90 13.55 -12.91
CA TYR B 94 6.33 14.90 -13.31
C TYR B 94 5.50 15.92 -12.54
N ARG B 95 5.97 16.24 -11.34
CA ARG B 95 5.37 17.28 -10.51
C ARG B 95 5.99 18.64 -10.81
N GLU B 96 7.30 18.76 -10.66
CA GLU B 96 7.99 20.03 -10.87
C GLU B 96 8.29 20.27 -12.35
N LYS B 104 5.35 11.99 -23.18
CA LYS B 104 3.95 11.68 -22.92
C LYS B 104 3.76 11.01 -21.55
N CYS B 105 2.83 11.53 -20.75
CA CYS B 105 2.39 10.85 -19.53
C CYS B 105 1.29 9.84 -19.85
N TRP B 106 1.21 8.79 -19.03
CA TRP B 106 0.18 7.77 -19.16
C TRP B 106 -0.82 7.90 -18.01
N THR B 107 -2.10 7.93 -18.36
CA THR B 107 -3.18 7.88 -17.39
C THR B 107 -3.49 6.43 -17.07
N TRP B 108 -4.12 6.22 -15.92
CA TRP B 108 -4.65 4.91 -15.59
C TRP B 108 -5.76 4.48 -16.55
N ASP B 109 -6.40 5.44 -17.24
CA ASP B 109 -7.24 5.14 -18.39
C ASP B 109 -6.44 4.41 -19.47
N ASP B 110 -5.29 4.98 -19.85
CA ASP B 110 -4.41 4.37 -20.84
C ASP B 110 -3.90 3.01 -20.38
N ILE B 111 -3.52 2.92 -19.10
CA ILE B 111 -2.87 1.70 -18.59
C ILE B 111 -3.86 0.54 -18.60
N MET B 112 -5.02 0.75 -17.98
CA MET B 112 -6.07 -0.26 -17.92
C MET B 112 -6.38 -0.89 -19.29
N LYS B 113 -6.20 -0.14 -20.37
CA LYS B 113 -6.50 -0.65 -21.71
C LYS B 113 -5.35 -1.41 -22.35
N LEU B 114 -4.22 -1.59 -21.66
CA LEU B 114 -3.17 -2.50 -22.15
C LEU B 114 -3.64 -3.95 -22.01
N GLU B 115 -3.41 -4.76 -23.04
CA GLU B 115 -3.87 -6.14 -23.00
C GLU B 115 -2.79 -7.03 -22.38
N ILE B 116 -2.48 -6.74 -21.11
CA ILE B 116 -1.36 -7.43 -20.47
C ILE B 116 -1.63 -8.92 -20.38
N ASP B 117 -2.90 -9.31 -20.26
CA ASP B 117 -3.17 -10.75 -20.18
C ASP B 117 -2.84 -11.48 -21.47
N GLU B 118 -2.63 -10.76 -22.57
CA GLU B 118 -2.30 -11.40 -23.85
C GLU B 118 -0.85 -11.88 -23.92
N ILE B 119 0.02 -11.37 -23.05
CA ILE B 119 1.42 -11.75 -23.08
C ILE B 119 1.87 -12.38 -21.77
N ALA B 120 0.95 -12.68 -20.86
CA ALA B 120 1.31 -13.26 -19.57
C ALA B 120 1.13 -14.79 -19.59
N ALA B 121 2.19 -15.52 -19.19
CA ALA B 121 2.10 -16.97 -19.09
C ALA B 121 1.00 -17.36 -18.13
N PRO B 122 0.43 -18.57 -18.29
CA PRO B 122 -0.71 -18.96 -17.44
C PRO B 122 -0.40 -18.90 -15.96
N ARG B 123 0.79 -19.30 -15.57
CA ARG B 123 1.34 -19.05 -14.25
C ARG B 123 2.43 -18.00 -14.46
N SER B 124 2.22 -16.81 -13.90
CA SER B 124 3.14 -15.70 -14.11
C SER B 124 2.90 -14.67 -13.02
N PHE B 125 3.83 -13.73 -12.91
CA PHE B 125 3.78 -12.67 -11.91
C PHE B 125 3.82 -11.32 -12.59
N ILE B 126 3.31 -10.31 -11.90
CA ILE B 126 3.38 -8.94 -12.37
C ILE B 126 3.81 -8.06 -11.19
N PHE B 127 4.55 -7.01 -11.50
CA PHE B 127 5.02 -6.03 -10.54
C PHE B 127 4.70 -4.68 -11.16
N LEU B 128 3.71 -3.98 -10.59
CA LEU B 128 3.15 -2.77 -11.19
C LEU B 128 3.37 -1.59 -10.26
N TRP B 129 4.13 -0.60 -10.74
CA TRP B 129 4.41 0.63 -10.01
C TRP B 129 3.19 1.53 -10.05
N CYS B 130 2.64 1.88 -8.89
CA CYS B 130 1.36 2.56 -8.82
C CYS B 130 1.44 3.98 -8.28
N GLY B 131 2.59 4.39 -7.73
CA GLY B 131 2.78 5.72 -7.24
C GLY B 131 2.21 5.79 -5.85
N SER B 132 1.54 6.89 -5.51
CA SER B 132 0.94 7.05 -4.19
C SER B 132 -0.43 7.75 -4.22
N GLY B 133 -1.06 7.90 -5.38
CA GLY B 133 -2.38 8.46 -5.44
C GLY B 133 -3.44 7.45 -5.80
N GLU B 134 -4.27 7.79 -6.78
CA GLU B 134 -5.34 6.93 -7.27
C GLU B 134 -4.83 5.64 -7.90
N GLY B 135 -3.55 5.58 -8.28
CA GLY B 135 -2.98 4.34 -8.74
C GLY B 135 -3.06 3.21 -7.73
N LEU B 136 -3.06 3.54 -6.44
CA LEU B 136 -3.15 2.46 -5.45
C LEU B 136 -4.48 1.75 -5.54
N ASP B 137 -5.51 2.45 -6.05
CA ASP B 137 -6.80 1.84 -6.28
C ASP B 137 -6.95 1.35 -7.72
N LEU B 138 -6.63 2.21 -8.69
CA LEU B 138 -6.76 1.84 -10.09
C LEU B 138 -5.76 0.78 -10.50
N GLY B 139 -4.58 0.74 -9.87
CA GLY B 139 -3.66 -0.33 -10.15
C GLY B 139 -4.19 -1.69 -9.74
N ARG B 140 -4.96 -1.73 -8.66
CA ARG B 140 -5.56 -3.02 -8.27
C ARG B 140 -6.65 -3.43 -9.25
N VAL B 141 -7.39 -2.44 -9.78
CA VAL B 141 -8.35 -2.75 -10.83
C VAL B 141 -7.63 -3.40 -12.00
N CYS B 142 -6.54 -2.77 -12.47
CA CYS B 142 -5.76 -3.31 -13.59
C CYS B 142 -5.37 -4.77 -13.35
N LEU B 143 -4.76 -5.06 -12.19
CA LEU B 143 -4.33 -6.43 -11.89
C LEU B 143 -5.49 -7.39 -12.04
N ARG B 144 -6.66 -7.01 -11.50
CA ARG B 144 -7.82 -7.88 -11.58
C ARG B 144 -8.33 -7.99 -13.01
N LYS B 145 -8.28 -6.88 -13.75
CA LYS B 145 -8.72 -6.90 -15.15
C LYS B 145 -7.86 -7.82 -16.00
N TRP B 146 -6.55 -7.89 -15.72
CA TRP B 146 -5.61 -8.75 -16.45
C TRP B 146 -5.50 -10.16 -15.88
N GLY B 147 -6.25 -10.47 -14.82
CA GLY B 147 -6.30 -11.81 -14.29
C GLY B 147 -5.45 -12.14 -13.08
N TYR B 148 -4.84 -11.16 -12.44
CA TYR B 148 -3.99 -11.46 -11.30
C TYR B 148 -4.72 -11.20 -9.98
N ARG B 149 -4.15 -11.76 -8.92
CA ARG B 149 -4.51 -11.43 -7.55
C ARG B 149 -3.27 -10.87 -6.85
N ARG B 150 -3.47 -9.90 -5.96
CA ARG B 150 -2.33 -9.22 -5.33
C ARG B 150 -1.84 -10.00 -4.12
N CYS B 151 -0.57 -10.43 -4.17
CA CYS B 151 0.01 -11.17 -3.07
C CYS B 151 1.01 -10.37 -2.24
N GLU B 152 1.53 -9.26 -2.75
CA GLU B 152 2.41 -8.42 -1.96
C GLU B 152 2.23 -6.96 -2.33
N ASP B 153 2.47 -6.09 -1.37
CA ASP B 153 2.46 -4.64 -1.56
C ASP B 153 3.83 -4.15 -1.13
N ILE B 154 4.67 -3.81 -2.10
CA ILE B 154 6.04 -3.39 -1.85
C ILE B 154 6.09 -1.88 -1.88
N CYS B 155 6.59 -1.28 -0.80
CA CYS B 155 6.64 0.17 -0.62
C CYS B 155 8.06 0.70 -0.80
N TRP B 156 8.21 1.70 -1.67
CA TRP B 156 9.46 2.43 -1.77
C TRP B 156 9.38 3.65 -0.83
N ILE B 157 10.12 3.60 0.27
CA ILE B 157 10.10 4.68 1.27
C ILE B 157 11.26 5.62 1.01
N LYS B 158 10.96 6.90 0.83
CA LYS B 158 11.92 7.90 0.36
C LYS B 158 12.35 8.79 1.53
N THR B 159 13.59 8.61 1.98
CA THR B 159 14.18 9.52 2.96
C THR B 159 14.59 10.85 2.32
N ASN B 160 14.64 11.90 3.14
CA ASN B 160 15.04 13.22 2.69
C ASN B 160 16.15 13.78 3.56
N LYS B 161 17.08 12.91 3.99
CA LYS B 161 18.16 13.31 4.89
C LYS B 161 18.96 14.49 4.37
N ASN B 162 18.99 14.68 3.05
CA ASN B 162 19.79 15.71 2.42
C ASN B 162 19.01 16.97 2.07
N ASN B 163 17.70 17.00 2.32
CA ASN B 163 16.93 18.23 2.16
C ASN B 163 15.69 18.18 3.03
N PRO B 164 15.86 18.31 4.37
CA PRO B 164 14.71 18.44 5.28
C PRO B 164 13.87 19.69 5.01
N LEU B 170 1.66 19.43 -2.52
CA LEU B 170 0.75 18.37 -2.11
C LEU B 170 -0.42 18.23 -3.10
N ASP B 171 -0.85 16.98 -3.34
CA ASP B 171 -2.02 16.71 -4.20
C ASP B 171 -3.28 17.22 -3.53
N PRO B 172 -4.19 17.89 -4.28
CA PRO B 172 -5.39 18.49 -3.68
C PRO B 172 -6.13 17.59 -2.71
N LYS B 173 -6.22 16.30 -3.05
CA LYS B 173 -6.89 15.31 -2.23
C LYS B 173 -6.04 14.80 -1.08
N ALA B 174 -4.76 15.15 -1.03
CA ALA B 174 -3.86 14.58 -0.04
C ALA B 174 -4.11 15.15 1.36
N VAL B 175 -4.32 14.25 2.31
CA VAL B 175 -4.37 14.64 3.71
C VAL B 175 -2.97 14.74 4.30
N PHE B 176 -2.01 13.98 3.75
CA PHE B 176 -0.69 13.83 4.33
C PHE B 176 0.38 14.07 3.28
N GLN B 177 1.57 14.38 3.74
CA GLN B 177 2.71 14.48 2.85
C GLN B 177 3.07 13.09 2.33
N ARG B 178 3.27 12.99 1.03
CA ARG B 178 3.44 11.69 0.40
C ARG B 178 4.92 11.43 0.16
N THR B 179 5.43 10.35 0.76
CA THR B 179 6.87 10.09 0.87
C THR B 179 7.22 8.67 0.44
N LYS B 180 6.33 7.98 -0.26
CA LYS B 180 6.57 6.60 -0.63
C LYS B 180 5.85 6.29 -1.94
N GLU B 181 6.22 5.16 -2.55
CA GLU B 181 5.57 4.69 -3.74
C GLU B 181 5.29 3.21 -3.57
N HIS B 182 4.23 2.72 -4.20
CA HIS B 182 3.81 1.33 -4.05
C HIS B 182 4.01 0.59 -5.37
N CYS B 183 4.67 -0.57 -5.30
CA CYS B 183 4.81 -1.49 -6.44
C CYS B 183 4.05 -2.76 -6.07
N LEU B 184 2.91 -2.99 -6.71
CA LEU B 184 2.05 -4.10 -6.33
C LEU B 184 2.47 -5.36 -7.08
N MET B 185 2.47 -6.48 -6.39
CA MET B 185 2.89 -7.76 -6.95
C MET B 185 1.64 -8.59 -7.14
N GLY B 186 1.49 -9.17 -8.33
CA GLY B 186 0.33 -9.96 -8.68
C GLY B 186 0.72 -11.34 -9.13
N ILE B 187 -0.14 -12.32 -8.82
CA ILE B 187 0.00 -13.70 -9.27
C ILE B 187 -1.21 -14.08 -10.09
N LYS B 188 -0.97 -14.84 -11.16
CA LYS B 188 -2.02 -15.50 -11.92
C LYS B 188 -1.55 -16.93 -12.13
N GLY B 189 -2.38 -17.89 -11.78
CA GLY B 189 -2.00 -19.28 -11.85
C GLY B 189 -1.84 -19.90 -10.47
N THR B 190 -1.33 -21.12 -10.46
CA THR B 190 -1.16 -21.86 -9.22
C THR B 190 0.22 -21.65 -8.60
N VAL B 204 13.88 -14.34 3.40
CA VAL B 204 14.42 -13.80 2.17
C VAL B 204 14.46 -12.27 2.22
N ASP B 205 13.50 -11.62 1.54
CA ASP B 205 13.45 -10.17 1.44
C ASP B 205 12.22 -9.61 2.16
N ILE B 206 12.32 -8.33 2.50
CA ILE B 206 11.24 -7.57 3.13
C ILE B 206 10.46 -6.87 2.02
N ASP B 207 9.28 -6.36 2.34
CA ASP B 207 8.46 -5.65 1.36
C ASP B 207 8.69 -4.15 1.45
N LEU B 208 9.94 -3.73 1.72
CA LEU B 208 10.30 -2.34 1.97
C LEU B 208 11.57 -2.01 1.20
N ILE B 209 11.52 -0.97 0.37
CA ILE B 209 12.71 -0.41 -0.26
C ILE B 209 12.91 0.98 0.31
N ILE B 210 14.06 1.22 0.95
CA ILE B 210 14.38 2.51 1.57
C ILE B 210 15.61 3.07 0.88
N THR B 211 15.42 4.18 0.17
CA THR B 211 16.49 4.96 -0.42
C THR B 211 16.20 6.43 -0.18
N GLU B 212 17.17 7.28 -0.52
CA GLU B 212 16.95 8.70 -0.51
C GLU B 212 16.10 9.11 -1.72
N GLU B 213 15.22 10.08 -1.50
CA GLU B 213 14.37 10.57 -2.57
C GLU B 213 15.20 11.11 -3.71
N PRO B 214 14.89 10.75 -4.95
CA PRO B 214 15.70 11.22 -6.09
C PRO B 214 15.40 12.67 -6.41
N GLU B 215 16.38 13.32 -7.03
CA GLU B 215 16.29 14.74 -7.36
C GLU B 215 15.15 14.98 -8.35
N ILE B 216 14.65 16.23 -8.37
CA ILE B 216 13.43 16.54 -9.11
C ILE B 216 13.60 16.17 -10.58
N GLY B 217 12.51 15.67 -11.18
CA GLY B 217 12.53 15.23 -12.57
C GLY B 217 13.22 13.91 -12.82
N ASN B 218 13.82 13.31 -11.79
CA ASN B 218 14.36 11.96 -11.90
C ASN B 218 13.21 11.00 -11.57
N ILE B 219 12.76 10.26 -12.58
CA ILE B 219 11.63 9.35 -12.43
C ILE B 219 12.06 7.93 -12.12
N GLU B 220 13.36 7.69 -11.91
CA GLU B 220 13.87 6.33 -11.85
C GLU B 220 13.44 5.64 -10.57
N LYS B 221 13.13 4.34 -10.68
CA LYS B 221 12.78 3.56 -9.51
C LYS B 221 14.00 2.81 -9.00
N PRO B 222 14.07 2.57 -7.70
CA PRO B 222 15.23 1.88 -7.14
C PRO B 222 15.47 0.57 -7.84
N VAL B 223 16.73 0.36 -8.24
CA VAL B 223 17.21 -0.89 -8.85
C VAL B 223 17.00 -2.11 -7.95
N GLU B 224 16.68 -1.89 -6.67
CA GLU B 224 16.45 -3.01 -5.75
C GLU B 224 15.23 -3.85 -6.14
N ILE B 225 14.25 -3.25 -6.83
CA ILE B 225 13.09 -4.01 -7.26
C ILE B 225 13.53 -5.19 -8.12
N PHE B 226 14.63 -5.05 -8.87
CA PHE B 226 15.08 -6.16 -9.69
C PHE B 226 15.66 -7.28 -8.85
N HIS B 227 16.43 -6.92 -7.82
CA HIS B 227 17.01 -7.94 -6.96
C HIS B 227 15.91 -8.71 -6.25
N ILE B 228 14.95 -7.97 -5.67
CA ILE B 228 13.76 -8.59 -5.09
C ILE B 228 13.11 -9.53 -6.10
N ILE B 229 12.81 -9.04 -7.30
CA ILE B 229 12.14 -9.90 -8.29
C ILE B 229 13.00 -11.13 -8.60
N GLU B 230 14.30 -10.92 -8.86
CA GLU B 230 15.14 -12.04 -9.29
C GLU B 230 15.40 -13.03 -8.17
N HIS B 231 15.37 -12.59 -6.91
CA HIS B 231 15.50 -13.55 -5.82
C HIS B 231 14.26 -14.43 -5.67
N PHE B 232 13.12 -14.04 -6.24
CA PHE B 232 11.95 -14.91 -6.21
C PHE B 232 12.09 -16.15 -7.09
N CYS B 233 12.97 -16.12 -8.11
CA CYS B 233 13.25 -17.27 -8.96
C CYS B 233 11.97 -17.77 -9.64
N LEU B 234 11.35 -16.87 -10.40
CA LEU B 234 10.05 -17.12 -11.02
C LEU B 234 10.15 -17.56 -12.48
N GLY B 235 11.34 -17.88 -12.96
CA GLY B 235 11.54 -18.12 -14.37
C GLY B 235 12.38 -17.02 -15.00
N ARG B 236 12.65 -17.21 -16.29
CA ARG B 236 13.61 -16.39 -17.00
C ARG B 236 12.98 -15.55 -18.10
N ARG B 237 11.69 -15.70 -18.36
CA ARG B 237 11.06 -14.83 -19.35
C ARG B 237 10.59 -13.59 -18.61
N ARG B 238 11.41 -12.54 -18.66
CA ARG B 238 11.19 -11.34 -17.86
C ARG B 238 11.05 -10.16 -18.81
N LEU B 239 9.94 -9.43 -18.69
CA LEU B 239 9.61 -8.32 -19.56
C LEU B 239 9.50 -7.04 -18.73
N HIS B 240 10.12 -5.96 -19.19
CA HIS B 240 10.04 -4.67 -18.51
C HIS B 240 9.43 -3.66 -19.44
N LEU B 241 8.18 -3.30 -19.19
CA LEU B 241 7.47 -2.37 -20.04
C LEU B 241 7.64 -0.96 -19.52
N PHE B 242 7.89 -0.03 -20.45
CA PHE B 242 8.27 1.36 -20.16
C PHE B 242 9.64 1.46 -19.51
N GLY B 243 10.49 0.45 -19.72
CA GLY B 243 11.90 0.57 -19.40
C GLY B 243 12.62 1.63 -20.24
N ARG B 244 13.90 1.82 -19.95
CA ARG B 244 14.70 2.89 -20.55
C ARG B 244 16.09 2.34 -20.85
N ASP B 245 16.86 3.11 -21.62
CA ASP B 245 18.26 2.76 -21.84
C ASP B 245 18.96 2.52 -20.53
N SER B 246 18.68 3.36 -19.53
CA SER B 246 19.28 3.25 -18.20
C SER B 246 18.81 2.02 -17.42
N THR B 247 17.73 1.37 -17.81
CA THR B 247 17.27 0.23 -17.01
C THR B 247 17.63 -1.10 -17.61
N ILE B 248 18.25 -1.14 -18.79
CA ILE B 248 18.47 -2.41 -19.46
C ILE B 248 19.37 -3.31 -18.62
N ARG B 249 19.06 -4.60 -18.61
CA ARG B 249 19.59 -5.47 -17.61
C ARG B 249 19.70 -6.89 -18.15
N PRO B 250 20.81 -7.58 -17.87
CA PRO B 250 20.89 -9.01 -18.21
C PRO B 250 19.71 -9.78 -17.65
N GLY B 251 19.17 -10.68 -18.45
CA GLY B 251 18.06 -11.47 -17.94
C GLY B 251 16.71 -10.83 -18.09
N TRP B 252 16.61 -9.77 -18.89
CA TRP B 252 15.39 -9.02 -19.04
C TRP B 252 15.27 -8.56 -20.48
N LEU B 253 14.05 -8.60 -21.00
CA LEU B 253 13.67 -7.92 -22.22
C LEU B 253 13.04 -6.57 -21.87
N THR B 254 13.55 -5.50 -22.46
CA THR B 254 13.13 -4.14 -22.11
C THR B 254 12.48 -3.48 -23.30
N VAL B 255 11.23 -3.06 -23.15
CA VAL B 255 10.44 -2.46 -24.21
C VAL B 255 10.00 -1.07 -23.74
N GLY B 256 10.12 -0.08 -24.61
CA GLY B 256 9.82 1.26 -24.20
C GLY B 256 9.88 2.22 -25.34
N PRO B 257 9.18 3.36 -25.18
CA PRO B 257 9.20 4.38 -26.23
C PRO B 257 10.50 5.17 -26.32
N THR B 258 11.23 5.34 -25.23
CA THR B 258 12.41 6.19 -25.27
C THR B 258 13.71 5.41 -25.49
N LEU B 259 13.66 4.09 -25.62
CA LEU B 259 14.87 3.37 -26.00
C LEU B 259 15.42 3.99 -27.26
N THR B 260 16.74 4.13 -27.31
CA THR B 260 17.37 4.63 -28.51
C THR B 260 17.76 3.51 -29.46
N ASN B 261 18.08 2.34 -28.92
CA ASN B 261 18.40 1.15 -29.70
C ASN B 261 17.44 0.00 -29.38
N SER B 262 17.36 -0.93 -30.33
CA SER B 262 16.62 -2.16 -30.18
C SER B 262 17.51 -3.28 -30.66
N ASN B 263 17.35 -4.47 -30.08
CA ASN B 263 18.01 -5.65 -30.59
C ASN B 263 17.08 -6.85 -30.57
N TYR B 264 15.81 -6.66 -30.23
CA TYR B 264 14.87 -7.76 -30.05
C TYR B 264 14.62 -8.53 -31.34
N ASN B 265 14.71 -9.85 -31.25
CA ASN B 265 14.25 -10.73 -32.31
C ASN B 265 13.45 -11.84 -31.65
N ALA B 266 12.20 -12.01 -32.10
CA ALA B 266 11.30 -12.99 -31.47
C ALA B 266 11.86 -14.38 -31.54
N GLU B 267 12.34 -14.79 -32.71
CA GLU B 267 12.89 -16.13 -32.82
C GLU B 267 14.18 -16.27 -32.02
N THR B 268 15.05 -15.25 -32.06
CA THR B 268 16.26 -15.30 -31.24
C THR B 268 15.93 -15.27 -29.74
N TYR B 269 15.00 -14.40 -29.34
CA TYR B 269 14.57 -14.39 -27.95
C TYR B 269 14.03 -15.74 -27.54
N ALA B 270 13.10 -16.29 -28.35
CA ALA B 270 12.50 -17.59 -28.04
C ALA B 270 13.54 -18.69 -27.97
N SER B 271 14.64 -18.55 -28.70
CA SER B 271 15.70 -19.56 -28.66
C SER B 271 16.33 -19.73 -27.29
N TYR B 272 16.27 -18.72 -26.41
CA TYR B 272 16.93 -18.85 -25.10
C TYR B 272 16.17 -19.77 -24.16
N PHE B 273 14.92 -20.10 -24.47
CA PHE B 273 14.08 -20.87 -23.56
C PHE B 273 13.65 -22.19 -24.17
N SER B 274 14.22 -22.57 -25.31
CA SER B 274 13.92 -23.87 -25.89
C SER B 274 14.58 -24.99 -25.08
N ALA B 275 14.12 -26.21 -25.32
CA ALA B 275 14.57 -27.35 -24.53
C ALA B 275 16.08 -27.50 -24.62
N PRO B 276 16.76 -27.91 -23.53
CA PRO B 276 16.15 -28.31 -22.26
C PRO B 276 15.98 -27.20 -21.22
N ASN B 277 15.74 -25.95 -21.63
CA ASN B 277 15.79 -24.82 -20.71
C ASN B 277 14.42 -24.20 -20.44
N SER B 278 13.34 -24.90 -20.78
CA SER B 278 12.02 -24.28 -20.79
C SER B 278 11.51 -23.91 -19.41
N TYR B 279 11.92 -24.63 -18.35
CA TYR B 279 11.32 -24.42 -17.04
C TYR B 279 12.33 -24.02 -15.96
N LEU B 280 13.47 -23.46 -16.36
CA LEU B 280 14.44 -23.02 -15.37
C LEU B 280 13.84 -21.91 -14.53
N THR B 281 14.02 -22.01 -13.21
CA THR B 281 13.60 -20.94 -12.32
C THR B 281 14.44 -19.70 -12.49
N GLY B 282 15.58 -19.80 -13.15
CA GLY B 282 16.56 -18.73 -13.20
C GLY B 282 17.51 -18.73 -12.04
N CYS B 283 17.38 -19.68 -11.11
CA CYS B 283 18.18 -19.77 -9.89
C CYS B 283 18.88 -21.13 -9.78
N THR B 284 19.32 -21.69 -10.91
CA THR B 284 20.00 -22.99 -10.90
C THR B 284 21.11 -22.97 -11.95
N GLU B 285 21.76 -24.13 -12.11
CA GLU B 285 22.87 -24.29 -13.02
C GLU B 285 22.39 -24.42 -14.46
N GLU B 286 23.29 -24.13 -15.39
CA GLU B 286 22.96 -24.23 -16.81
C GLU B 286 22.66 -25.68 -17.17
N ILE B 287 21.52 -25.90 -17.82
CA ILE B 287 21.07 -27.26 -18.18
C ILE B 287 22.05 -27.93 -19.15
#